data_5L6Q
#
_entry.id   5L6Q
#
_cell.length_a   58.020
_cell.length_b   105.810
_cell.length_c   34.750
_cell.angle_alpha   90.00
_cell.angle_beta   90.00
_cell.angle_gamma   90.00
#
_symmetry.space_group_name_H-M   'P 21 21 2'
#
loop_
_entity.id
_entity.type
_entity.pdbx_description
1 polymer H5AL
2 non-polymer 'ZINC ION'
3 non-polymer 'SODIUM ION'
4 non-polymer 'CARBONATE ION'
5 non-polymer DI(HYDROXYETHYL)ETHER
6 non-polymer 'CHLORIDE ION'
7 non-polymer 'TRIETHYLENE GLYCOL'
8 water water
#
_entity_poly.entity_id   1
_entity_poly.type   'polypeptide(L)'
_entity_poly.pdbx_seq_one_letter_code
;SELTQDPAVSVALGQTVRITCQGDSLRSYSASWYQQKPGQAPVLVIFRKSNRPSGIPDRFSGSSSGNTASLTITGAQAED
EADYYCNSRDSSANHQVFGGGTKLTVLGQPKAAPS
;
_entity_poly.pdbx_strand_id   A,B
#
loop_
_chem_comp.id
_chem_comp.type
_chem_comp.name
_chem_comp.formula
CL non-polymer 'CHLORIDE ION' 'Cl -1'
CO3 non-polymer 'CARBONATE ION' 'C O3 -2'
NA non-polymer 'SODIUM ION' 'Na 1'
PEG non-polymer DI(HYDROXYETHYL)ETHER 'C4 H10 O3'
PGE non-polymer 'TRIETHYLENE GLYCOL' 'C6 H14 O4'
ZN non-polymer 'ZINC ION' 'Zn 2'
#
# COMPACT_ATOMS: atom_id res chain seq x y z
N SER A 1 -10.09 -13.48 -6.80
CA SER A 1 -9.12 -14.17 -5.94
C SER A 1 -9.40 -13.87 -4.48
N GLU A 2 -8.96 -14.78 -3.61
CA GLU A 2 -9.16 -14.60 -2.17
C GLU A 2 -7.92 -15.20 -1.48
N LEU A 3 -7.62 -14.63 -0.32
CA LEU A 3 -6.46 -15.00 0.49
C LEU A 3 -6.90 -15.24 1.91
N THR A 4 -6.26 -16.22 2.56
CA THR A 4 -6.53 -16.54 3.98
C THR A 4 -5.25 -16.55 4.80
N GLN A 5 -5.33 -16.03 6.01
CA GLN A 5 -4.21 -16.07 6.98
C GLN A 5 -4.79 -16.29 8.36
N ASP A 6 -3.98 -16.83 9.28
CA ASP A 6 -4.46 -17.04 10.66
C ASP A 6 -4.67 -15.69 11.32
N PRO A 7 -5.70 -15.54 12.17
CA PRO A 7 -5.98 -14.24 12.74
C PRO A 7 -4.96 -13.77 13.77
N ALA A 8 -4.22 -14.67 14.40
CA ALA A 8 -3.33 -14.25 15.49
C ALA A 8 -2.24 -15.25 15.76
N VAL A 9 -1.09 -14.72 16.18
CA VAL A 9 0.04 -15.53 16.59
C VAL A 9 0.87 -14.68 17.56
N SER A 10 1.65 -15.36 18.39
CA SER A 10 2.61 -14.73 19.27
C SER A 10 4.00 -15.20 18.99
N VAL A 11 4.95 -14.40 19.52
CA VAL A 11 6.37 -14.73 19.47
C VAL A 11 7.04 -14.12 20.69
N ALA A 12 8.00 -14.84 21.25
CA ALA A 12 8.84 -14.30 22.29
C ALA A 12 9.93 -13.42 21.71
N LEU A 13 10.32 -12.43 22.49
CA LEU A 13 11.49 -11.59 22.12
C LEU A 13 12.66 -12.47 21.74
N GLY A 14 13.27 -12.22 20.59
CA GLY A 14 14.42 -12.94 20.11
C GLY A 14 14.18 -14.23 19.37
N GLN A 15 12.94 -14.72 19.37
CA GLN A 15 12.61 -15.92 18.64
C GLN A 15 12.13 -15.57 17.23
N THR A 16 11.82 -16.61 16.47
CA THR A 16 11.38 -16.50 15.09
C THR A 16 9.91 -16.84 14.97
N VAL A 17 9.18 -16.08 14.14
CA VAL A 17 7.80 -16.34 13.84
C VAL A 17 7.60 -16.32 12.34
N ARG A 18 6.75 -17.25 11.87
CA ARG A 18 6.35 -17.29 10.47
C ARG A 18 4.84 -17.13 10.34
N ILE A 19 4.45 -16.16 9.51
CA ILE A 19 3.03 -15.85 9.24
C ILE A 19 2.76 -16.25 7.79
N THR A 20 1.78 -17.13 7.59
CA THR A 20 1.52 -17.63 6.25
C THR A 20 0.15 -17.23 5.75
N CYS A 21 0.13 -17.04 4.44
N CYS A 21 0.11 -16.91 4.45
CA CYS A 21 -1.05 -16.68 3.68
CA CYS A 21 -1.14 -16.70 3.72
C CYS A 21 -1.26 -17.74 2.61
C CYS A 21 -1.26 -17.77 2.66
N GLN A 22 -2.50 -18.07 2.29
CA GLN A 22 -2.80 -19.07 1.28
C GLN A 22 -3.87 -18.56 0.34
N GLY A 23 -3.70 -18.84 -0.93
CA GLY A 23 -4.71 -18.58 -1.92
C GLY A 23 -4.21 -18.84 -3.32
N ASP A 24 -5.16 -18.99 -4.23
CA ASP A 24 -4.79 -19.36 -5.61
C ASP A 24 -3.89 -18.35 -6.32
N SER A 25 -4.07 -17.07 -6.00
CA SER A 25 -3.31 -16.03 -6.69
C SER A 25 -1.81 -16.16 -6.45
N LEU A 26 -1.45 -16.77 -5.35
CA LEU A 26 -0.06 -16.88 -4.97
C LEU A 26 0.76 -17.83 -5.83
N ARG A 27 0.08 -18.73 -6.58
CA ARG A 27 0.78 -19.51 -7.58
C ARG A 27 1.23 -18.69 -8.77
N SER A 28 0.53 -17.59 -9.05
CA SER A 28 0.78 -16.77 -10.24
C SER A 28 1.52 -15.50 -9.95
N TYR A 29 1.26 -14.92 -8.79
CA TYR A 29 1.62 -13.55 -8.49
C TYR A 29 2.36 -13.48 -7.16
N SER A 30 3.29 -12.54 -7.08
CA SER A 30 4.11 -12.38 -5.88
CA SER A 30 4.10 -12.42 -5.88
C SER A 30 3.30 -11.71 -4.79
N ALA A 31 3.55 -12.13 -3.56
CA ALA A 31 2.95 -11.52 -2.39
C ALA A 31 3.72 -10.32 -1.94
N SER A 32 2.99 -9.38 -1.36
CA SER A 32 3.56 -8.32 -0.56
C SER A 32 2.97 -8.40 0.84
N TRP A 33 3.63 -7.70 1.78
CA TRP A 33 3.24 -7.73 3.16
C TRP A 33 3.26 -6.32 3.76
N TYR A 34 2.17 -5.97 4.42
CA TYR A 34 2.02 -4.71 5.14
C TYR A 34 2.02 -4.95 6.65
N GLN A 35 2.65 -4.01 7.36
CA GLN A 35 2.61 -3.92 8.79
C GLN A 35 1.74 -2.74 9.18
N GLN A 36 0.82 -2.95 10.08
CA GLN A 36 -0.08 -1.93 10.59
C GLN A 36 0.04 -1.81 12.11
N LYS A 37 0.53 -0.64 12.56
CA LYS A 37 0.60 -0.31 13.98
C LYS A 37 -0.42 0.77 14.32
N PRO A 38 -0.88 0.82 15.59
CA PRO A 38 -1.87 1.82 16.01
C PRO A 38 -1.42 3.24 15.72
N GLY A 39 -2.27 4.02 15.06
CA GLY A 39 -2.02 5.43 14.84
C GLY A 39 -1.08 5.74 13.71
N GLN A 40 -0.65 4.73 12.97
CA GLN A 40 0.22 4.89 11.82
C GLN A 40 -0.39 4.43 10.51
N ALA A 41 0.11 4.97 9.40
CA ALA A 41 -0.27 4.46 8.09
C ALA A 41 0.33 3.07 7.95
N PRO A 42 -0.25 2.22 7.11
CA PRO A 42 0.37 0.92 6.85
C PRO A 42 1.71 1.05 6.16
N VAL A 43 2.63 0.16 6.50
CA VAL A 43 3.99 0.14 6.03
C VAL A 43 4.26 -1.14 5.25
N LEU A 44 4.77 -1.02 4.03
CA LEU A 44 5.20 -2.20 3.27
C LEU A 44 6.51 -2.72 3.85
N VAL A 45 6.51 -3.95 4.32
CA VAL A 45 7.74 -4.57 4.82
C VAL A 45 8.37 -5.51 3.82
N ILE A 46 7.57 -6.16 2.97
CA ILE A 46 8.07 -7.00 1.89
C ILE A 46 7.27 -6.69 0.65
N PHE A 47 7.92 -6.61 -0.49
N PHE A 47 7.97 -6.56 -0.49
CA PHE A 47 7.15 -6.61 -1.71
CA PHE A 47 7.40 -6.21 -1.82
C PHE A 47 7.80 -7.47 -2.72
C PHE A 47 7.86 -7.30 -2.83
N ARG A 48 6.99 -7.84 -3.69
CA ARG A 48 7.44 -8.76 -4.74
C ARG A 48 8.14 -9.98 -4.14
N LYS A 49 7.41 -10.63 -3.23
CA LYS A 49 7.74 -11.92 -2.63
C LYS A 49 8.75 -11.82 -1.50
N SER A 50 9.90 -11.19 -1.78
CA SER A 50 11.05 -11.26 -0.86
C SER A 50 11.86 -9.99 -0.82
N ASN A 51 11.47 -8.94 -1.52
CA ASN A 51 12.26 -7.72 -1.50
C ASN A 51 11.86 -6.84 -0.34
N ARG A 52 12.85 -6.28 0.34
CA ARG A 52 12.58 -5.33 1.43
C ARG A 52 12.68 -3.89 0.92
N PRO A 53 11.65 -3.07 1.16
CA PRO A 53 11.77 -1.65 0.89
C PRO A 53 12.92 -1.04 1.66
N SER A 54 13.39 0.09 1.14
CA SER A 54 14.44 0.86 1.80
C SER A 54 14.10 1.06 3.25
N GLY A 55 15.05 0.77 4.10
CA GLY A 55 14.90 1.04 5.52
C GLY A 55 14.30 -0.07 6.36
N ILE A 56 13.73 -1.11 5.74
CA ILE A 56 13.14 -2.19 6.49
C ILE A 56 14.24 -3.14 7.00
N PRO A 57 14.20 -3.48 8.30
CA PRO A 57 15.25 -4.35 8.86
C PRO A 57 15.29 -5.73 8.21
N ASP A 58 16.47 -6.30 8.08
CA ASP A 58 16.66 -7.58 7.41
C ASP A 58 16.15 -8.76 8.21
N ARG A 59 15.66 -8.50 9.43
CA ARG A 59 14.99 -9.58 10.18
C ARG A 59 13.65 -9.96 9.59
N PHE A 60 13.10 -9.10 8.72
CA PHE A 60 11.86 -9.43 7.93
C PHE A 60 12.29 -10.08 6.63
N SER A 61 11.72 -11.25 6.32
CA SER A 61 11.97 -11.88 5.06
C SER A 61 10.65 -12.51 4.56
N GLY A 62 10.60 -12.69 3.24
CA GLY A 62 9.44 -13.28 2.61
C GLY A 62 9.82 -14.41 1.72
N SER A 63 8.87 -15.34 1.55
CA SER A 63 9.08 -16.46 0.69
C SER A 63 7.73 -16.91 0.16
N SER A 64 7.74 -17.81 -0.81
CA SER A 64 6.51 -18.38 -1.28
C SER A 64 6.78 -19.78 -1.77
N SER A 65 5.72 -20.54 -1.89
CA SER A 65 5.82 -21.85 -2.54
C SER A 65 4.43 -22.32 -2.78
N GLY A 66 4.15 -22.62 -4.04
CA GLY A 66 2.85 -23.12 -4.41
C GLY A 66 1.82 -22.03 -4.17
N ASN A 67 0.75 -22.40 -3.48
CA ASN A 67 -0.35 -21.48 -3.15
C ASN A 67 -0.15 -20.79 -1.78
N THR A 68 1.08 -20.78 -1.25
CA THR A 68 1.32 -20.15 0.05
C THR A 68 2.40 -19.11 -0.07
N ALA A 69 2.28 -18.10 0.76
CA ALA A 69 3.37 -17.13 0.93
C ALA A 69 3.55 -16.92 2.43
N SER A 70 4.78 -16.63 2.83
CA SER A 70 5.11 -16.48 4.24
C SER A 70 6.00 -15.26 4.50
N LEU A 71 5.67 -14.60 5.60
CA LEU A 71 6.49 -13.57 6.21
C LEU A 71 7.16 -14.17 7.45
N THR A 72 8.50 -14.09 7.50
CA THR A 72 9.25 -14.58 8.67
C THR A 72 9.92 -13.39 9.32
N ILE A 73 9.79 -13.34 10.64
CA ILE A 73 10.55 -12.37 11.42
C ILE A 73 11.50 -13.19 12.28
N THR A 74 12.80 -13.01 12.06
CA THR A 74 13.86 -13.75 12.73
C THR A 74 14.46 -12.87 13.77
N GLY A 75 14.28 -13.21 15.04
CA GLY A 75 14.81 -12.36 16.11
C GLY A 75 13.86 -11.21 16.42
N ALA A 76 12.63 -11.54 16.79
CA ALA A 76 11.56 -10.58 16.94
C ALA A 76 11.87 -9.58 18.04
N GLN A 77 11.59 -8.31 17.75
CA GLN A 77 11.76 -7.22 18.68
C GLN A 77 10.41 -6.74 19.15
N ALA A 78 10.40 -6.08 20.30
CA ALA A 78 9.15 -5.58 20.89
C ALA A 78 8.37 -4.73 19.89
N GLU A 79 9.08 -3.90 19.13
CA GLU A 79 8.43 -3.01 18.18
C GLU A 79 7.75 -3.73 17.02
N ASP A 80 7.98 -5.03 16.88
CA ASP A 80 7.40 -5.75 15.75
C ASP A 80 5.95 -6.20 16.00
N GLU A 81 5.45 -5.96 17.20
CA GLU A 81 4.06 -6.17 17.54
C GLU A 81 3.21 -5.27 16.64
N ALA A 82 2.32 -5.88 15.85
CA ALA A 82 1.57 -5.19 14.80
C ALA A 82 0.64 -6.19 14.15
N ASP A 83 -0.24 -5.68 13.30
CA ASP A 83 -1.05 -6.52 12.41
C ASP A 83 -0.34 -6.60 11.07
N TYR A 84 -0.25 -7.80 10.54
CA TYR A 84 0.42 -8.07 9.28
C TYR A 84 -0.58 -8.57 8.26
N TYR A 85 -0.55 -7.97 7.07
CA TYR A 85 -1.46 -8.32 5.97
C TYR A 85 -0.69 -8.76 4.75
N CYS A 86 -1.05 -9.92 4.19
N CYS A 86 -1.09 -9.91 4.20
CA CYS A 86 -0.54 -10.32 2.91
CA CYS A 86 -0.62 -10.42 2.93
C CYS A 86 -1.46 -9.74 1.84
C CYS A 86 -1.48 -9.77 1.84
N ASN A 87 -0.89 -9.56 0.66
CA ASN A 87 -1.65 -9.12 -0.49
C ASN A 87 -1.00 -9.63 -1.76
N SER A 88 -1.78 -9.60 -2.85
CA SER A 88 -1.25 -9.87 -4.16
C SER A 88 -2.15 -9.17 -5.16
N ARG A 89 -1.68 -9.13 -6.39
CA ARG A 89 -2.55 -8.81 -7.51
C ARG A 89 -3.75 -9.80 -7.46
N ASP A 90 -4.91 -9.28 -7.83
CA ASP A 90 -6.15 -10.04 -7.90
C ASP A 90 -6.39 -10.46 -9.33
N SER A 91 -7.30 -11.41 -9.52
CA SER A 91 -7.71 -11.81 -10.87
C SER A 91 -8.32 -10.69 -11.69
N SER A 92 -8.99 -9.72 -11.04
CA SER A 92 -9.53 -8.55 -11.75
C SER A 92 -8.45 -7.49 -11.99
N ALA A 93 -8.34 -7.02 -13.22
CA ALA A 93 -7.38 -5.96 -13.58
C ALA A 93 -7.53 -4.78 -12.63
N ASN A 94 -6.39 -4.28 -12.18
CA ASN A 94 -6.29 -3.07 -11.33
C ASN A 94 -6.84 -3.30 -9.94
N HIS A 95 -7.02 -4.56 -9.55
CA HIS A 95 -7.40 -4.89 -8.20
C HIS A 95 -6.29 -5.64 -7.48
N GLN A 96 -6.28 -5.44 -6.17
CA GLN A 96 -5.46 -6.21 -5.25
C GLN A 96 -6.35 -6.93 -4.24
N VAL A 97 -5.90 -8.08 -3.83
CA VAL A 97 -6.60 -8.85 -2.80
C VAL A 97 -5.69 -8.97 -1.59
N PHE A 98 -6.34 -8.96 -0.42
CA PHE A 98 -5.66 -9.02 0.86
C PHE A 98 -6.18 -10.18 1.69
N GLY A 99 -5.29 -10.72 2.48
CA GLY A 99 -5.71 -11.55 3.61
C GLY A 99 -6.41 -10.71 4.68
N GLY A 100 -7.02 -11.40 5.62
CA GLY A 100 -7.69 -10.75 6.69
C GLY A 100 -6.85 -10.19 7.80
N GLY A 101 -5.55 -10.44 7.71
CA GLY A 101 -4.60 -9.93 8.70
C GLY A 101 -4.27 -10.94 9.78
N THR A 102 -3.05 -10.85 10.30
CA THR A 102 -2.62 -11.66 11.44
C THR A 102 -2.11 -10.68 12.50
N LYS A 103 -2.73 -10.71 13.68
CA LYS A 103 -2.26 -9.92 14.82
C LYS A 103 -1.07 -10.61 15.49
N LEU A 104 0.09 -10.01 15.44
CA LEU A 104 1.28 -10.52 16.11
C LEU A 104 1.47 -9.88 17.45
N THR A 105 1.56 -10.71 18.48
CA THR A 105 1.89 -10.28 19.84
CA THR A 105 1.89 -10.24 19.81
C THR A 105 3.33 -10.69 20.10
N VAL A 106 4.12 -9.76 20.64
CA VAL A 106 5.48 -10.06 21.01
C VAL A 106 5.52 -10.04 22.54
N LEU A 107 5.97 -11.14 23.13
CA LEU A 107 6.02 -11.33 24.57
C LEU A 107 7.46 -11.25 25.12
N GLY A 108 7.61 -10.66 26.31
CA GLY A 108 8.86 -10.72 27.11
C GLY A 108 9.41 -9.34 27.42
N SER B 1 -15.78 -2.59 -8.28
CA SER B 1 -15.49 -1.15 -8.44
C SER B 1 -14.36 -0.90 -9.41
N GLU B 2 -14.38 0.27 -10.04
CA GLU B 2 -13.30 0.68 -10.92
C GLU B 2 -12.98 2.17 -10.75
N LEU B 3 -11.73 2.53 -11.07
CA LEU B 3 -11.21 3.90 -10.91
C LEU B 3 -10.49 4.31 -12.16
N THR B 4 -10.64 5.58 -12.56
CA THR B 4 -9.94 6.11 -13.73
C THR B 4 -9.15 7.39 -13.37
N GLN B 5 -7.98 7.53 -13.98
CA GLN B 5 -7.16 8.75 -13.80
C GLN B 5 -6.49 9.06 -15.16
N ASP B 6 -6.18 10.32 -15.43
CA ASP B 6 -5.47 10.68 -16.67
C ASP B 6 -4.10 10.04 -16.64
N PRO B 7 -3.59 9.58 -17.79
CA PRO B 7 -2.31 8.89 -17.78
C PRO B 7 -1.07 9.75 -17.53
N ALA B 8 -1.14 11.07 -17.78
CA ALA B 8 0.05 11.91 -17.68
C ALA B 8 -0.29 13.36 -17.44
N VAL B 9 0.55 14.01 -16.64
CA VAL B 9 0.48 15.45 -16.48
C VAL B 9 1.88 15.98 -16.16
N SER B 10 2.07 17.27 -16.32
CA SER B 10 3.32 17.92 -15.99
C SER B 10 3.08 19.03 -15.00
N VAL B 11 4.16 19.47 -14.36
CA VAL B 11 4.14 20.65 -13.49
C VAL B 11 5.52 21.27 -13.51
N ALA B 12 5.56 22.61 -13.47
CA ALA B 12 6.80 23.32 -13.32
C ALA B 12 7.26 23.33 -11.87
N LEU B 13 8.58 23.36 -11.67
CA LEU B 13 9.13 23.54 -10.30
C LEU B 13 8.45 24.73 -9.64
N GLY B 14 7.96 24.54 -8.42
CA GLY B 14 7.35 25.56 -7.63
C GLY B 14 5.88 25.82 -7.88
N GLN B 15 5.32 25.23 -8.93
CA GLN B 15 3.88 25.35 -9.22
C GLN B 15 3.09 24.24 -8.52
N THR B 16 1.77 24.31 -8.69
CA THR B 16 0.83 23.36 -8.13
C THR B 16 0.23 22.47 -9.21
N VAL B 17 0.08 21.21 -8.88
CA VAL B 17 -0.55 20.26 -9.80
C VAL B 17 -1.58 19.44 -9.03
N ARG B 18 -2.69 19.16 -9.70
CA ARG B 18 -3.77 18.34 -9.12
C ARG B 18 -4.00 17.13 -10.01
N ILE B 19 -3.89 15.95 -9.40
CA ILE B 19 -4.13 14.65 -10.11
C ILE B 19 -5.41 14.11 -9.56
N THR B 20 -6.35 13.80 -10.45
CA THR B 20 -7.69 13.38 -10.04
C THR B 20 -8.04 11.98 -10.51
N CYS B 21 -8.78 11.30 -9.66
N CYS B 21 -8.66 11.22 -9.62
CA CYS B 21 -9.23 9.96 -9.86
CA CYS B 21 -9.27 9.94 -9.95
C CYS B 21 -10.75 10.01 -9.78
C CYS B 21 -10.75 10.05 -9.84
N GLN B 22 -11.42 9.17 -10.56
CA GLN B 22 -12.88 9.12 -10.59
C GLN B 22 -13.37 7.68 -10.52
N GLY B 23 -14.39 7.48 -9.73
CA GLY B 23 -15.12 6.22 -9.75
C GLY B 23 -16.16 6.17 -8.67
N ASP B 24 -17.10 5.20 -8.79
CA ASP B 24 -18.21 5.16 -7.85
C ASP B 24 -17.78 4.93 -6.39
N SER B 25 -16.72 4.15 -6.18
CA SER B 25 -16.24 3.88 -4.78
C SER B 25 -15.90 5.17 -4.02
N LEU B 26 -15.55 6.21 -4.76
CA LEU B 26 -15.06 7.40 -4.12
C LEU B 26 -16.16 8.23 -3.45
N ARG B 27 -17.42 7.97 -3.79
CA ARG B 27 -18.55 8.63 -3.14
CA ARG B 27 -18.51 8.68 -3.12
C ARG B 27 -18.66 8.20 -1.70
N SER B 28 -18.25 6.97 -1.42
CA SER B 28 -18.49 6.37 -0.13
CA SER B 28 -18.49 6.33 -0.14
C SER B 28 -17.24 5.98 0.65
N TYR B 29 -16.12 5.78 -0.05
CA TYR B 29 -14.90 5.31 0.60
C TYR B 29 -13.76 6.26 0.28
N SER B 30 -12.83 6.35 1.23
CA SER B 30 -11.71 7.28 1.12
CA SER B 30 -11.73 7.29 1.11
C SER B 30 -10.63 6.74 0.20
N ALA B 31 -10.03 7.62 -0.56
CA ALA B 31 -8.93 7.28 -1.42
C ALA B 31 -7.61 7.33 -0.67
N SER B 32 -6.71 6.50 -1.12
CA SER B 32 -5.30 6.62 -0.78
C SER B 32 -4.49 6.83 -2.05
N TRP B 33 -3.26 7.33 -1.89
CA TRP B 33 -2.43 7.64 -3.05
C TRP B 33 -1.03 7.09 -2.85
N TYR B 34 -0.52 6.41 -3.86
CA TYR B 34 0.85 5.83 -3.86
C TYR B 34 1.67 6.59 -4.88
N GLN B 35 2.92 6.83 -4.51
CA GLN B 35 3.94 7.36 -5.38
C GLN B 35 4.83 6.17 -5.74
N GLN B 36 5.10 6.02 -7.02
CA GLN B 36 5.96 4.96 -7.53
C GLN B 36 7.10 5.56 -8.35
N LYS B 37 8.32 5.38 -7.84
CA LYS B 37 9.53 5.74 -8.54
C LYS B 37 10.26 4.53 -9.04
N PRO B 38 11.04 4.68 -10.13
CA PRO B 38 11.68 3.47 -10.64
C PRO B 38 12.70 2.88 -9.67
N GLY B 39 12.70 1.57 -9.58
CA GLY B 39 13.63 0.83 -8.75
C GLY B 39 13.37 0.90 -7.26
N GLN B 40 12.18 1.34 -6.85
CA GLN B 40 11.83 1.46 -5.44
C GLN B 40 10.48 0.82 -5.21
N ALA B 41 10.20 0.48 -3.96
CA ALA B 41 8.86 0.05 -3.58
C ALA B 41 7.91 1.26 -3.63
N PRO B 42 6.63 1.00 -3.87
CA PRO B 42 5.67 2.12 -3.82
C PRO B 42 5.58 2.71 -2.42
N VAL B 43 5.35 4.02 -2.34
CA VAL B 43 5.29 4.77 -1.11
C VAL B 43 3.91 5.43 -0.98
N LEU B 44 3.24 5.18 0.14
CA LEU B 44 1.97 5.83 0.44
C LEU B 44 2.25 7.31 0.79
N VAL B 45 1.70 8.21 -0.01
CA VAL B 45 1.86 9.66 0.29
C VAL B 45 0.61 10.22 1.02
N ILE B 46 -0.60 9.71 0.66
CA ILE B 46 -1.82 10.12 1.33
C ILE B 46 -2.58 8.84 1.65
N PHE B 47 -3.23 8.82 2.83
CA PHE B 47 -4.14 7.77 3.07
C PHE B 47 -5.37 8.23 3.74
N ARG B 48 -6.45 7.47 3.54
CA ARG B 48 -7.71 7.87 4.13
C ARG B 48 -8.06 9.34 3.80
N LYS B 49 -8.10 9.59 2.48
CA LYS B 49 -8.52 10.83 1.85
C LYS B 49 -7.50 11.95 1.94
N SER B 50 -7.07 12.27 3.17
CA SER B 50 -6.32 13.50 3.42
CA SER B 50 -6.29 13.48 3.40
C SER B 50 -5.18 13.30 4.41
N ASN B 51 -4.99 12.12 4.97
CA ASN B 51 -3.94 11.95 6.02
C ASN B 51 -2.63 11.69 5.35
N ARG B 52 -1.56 12.26 5.90
CA ARG B 52 -0.20 11.99 5.40
CA ARG B 52 -0.19 12.02 5.43
C ARG B 52 0.51 11.06 6.38
N PRO B 53 1.09 9.98 5.84
CA PRO B 53 1.97 9.14 6.66
C PRO B 53 3.12 9.94 7.22
N SER B 54 3.68 9.36 8.29
CA SER B 54 4.86 9.93 8.93
C SER B 54 5.91 10.19 7.89
N GLY B 55 6.44 11.41 7.92
CA GLY B 55 7.56 11.77 7.10
C GLY B 55 7.28 12.30 5.71
N ILE B 56 6.03 12.22 5.25
CA ILE B 56 5.68 12.74 3.94
C ILE B 56 5.55 14.28 4.03
N PRO B 57 6.15 14.97 3.07
CA PRO B 57 6.08 16.46 3.14
C PRO B 57 4.67 17.02 2.97
N ASP B 58 4.39 18.13 3.66
CA ASP B 58 3.06 18.70 3.64
C ASP B 58 2.70 19.37 2.34
N ARG B 59 3.61 19.38 1.35
CA ARG B 59 3.22 19.83 0.03
C ARG B 59 2.27 18.86 -0.68
N PHE B 60 2.21 17.62 -0.20
CA PHE B 60 1.22 16.64 -0.66
C PHE B 60 -0.04 16.76 0.18
N SER B 61 -1.19 16.90 -0.49
CA SER B 61 -2.47 16.94 0.18
C SER B 61 -3.52 16.17 -0.63
N GLY B 62 -4.54 15.72 0.07
CA GLY B 62 -5.60 14.96 -0.58
C GLY B 62 -6.95 15.54 -0.25
N SER B 63 -7.86 15.37 -1.22
CA SER B 63 -9.24 15.79 -1.08
C SER B 63 -10.16 14.88 -1.86
N SER B 64 -11.45 15.09 -1.65
CA SER B 64 -12.44 14.41 -2.46
C SER B 64 -13.66 15.27 -2.69
N SER B 65 -14.37 14.97 -3.75
CA SER B 65 -15.60 15.71 -4.06
C SER B 65 -16.44 14.81 -4.93
N GLY B 66 -17.62 14.45 -4.44
CA GLY B 66 -18.49 13.56 -5.20
C GLY B 66 -17.81 12.25 -5.53
N ASN B 67 -17.82 11.89 -6.80
CA ASN B 67 -17.16 10.63 -7.26
C ASN B 67 -15.71 10.80 -7.64
N THR B 68 -15.08 11.85 -7.14
CA THR B 68 -13.69 12.10 -7.45
C THR B 68 -12.85 12.25 -6.20
N ALA B 69 -11.57 11.96 -6.36
CA ALA B 69 -10.55 12.20 -5.33
C ALA B 69 -9.36 12.83 -6.03
N SER B 70 -8.68 13.70 -5.30
CA SER B 70 -7.57 14.43 -5.84
C SER B 70 -6.36 14.45 -4.91
N LEU B 71 -5.21 14.32 -5.56
CA LEU B 71 -3.91 14.55 -4.92
C LEU B 71 -3.39 15.85 -5.48
N THR B 72 -3.09 16.76 -4.56
CA THR B 72 -2.50 18.04 -4.96
C THR B 72 -1.08 18.12 -4.41
N ILE B 73 -0.17 18.57 -5.27
CA ILE B 73 1.20 18.85 -4.85
C ILE B 73 1.37 20.34 -5.07
N THR B 74 1.57 21.05 -3.96
CA THR B 74 1.68 22.52 -3.95
C THR B 74 3.13 22.91 -3.79
N GLY B 75 3.72 23.51 -4.80
CA GLY B 75 5.14 23.82 -4.71
C GLY B 75 5.97 22.60 -5.13
N ALA B 76 5.74 22.08 -6.33
CA ALA B 76 6.36 20.83 -6.76
C ALA B 76 7.88 20.96 -6.78
N GLN B 77 8.55 19.91 -6.32
CA GLN B 77 9.99 19.81 -6.35
CA GLN B 77 10.00 19.75 -6.32
C GLN B 77 10.41 18.73 -7.34
N ALA B 78 11.68 18.76 -7.77
CA ALA B 78 12.15 17.84 -8.80
C ALA B 78 11.92 16.37 -8.41
N GLU B 79 12.14 16.07 -7.14
CA GLU B 79 12.01 14.70 -6.66
C GLU B 79 10.58 14.17 -6.71
N ASP B 80 9.60 15.03 -6.97
CA ASP B 80 8.20 14.61 -7.02
C ASP B 80 7.83 13.94 -8.33
N GLU B 81 8.74 13.96 -9.29
CA GLU B 81 8.53 13.28 -10.54
C GLU B 81 8.45 11.77 -10.27
N ALA B 82 7.33 11.17 -10.64
CA ALA B 82 6.94 9.80 -10.26
C ALA B 82 5.63 9.47 -10.90
N ASP B 83 5.24 8.20 -10.79
CA ASP B 83 3.87 7.77 -11.12
C ASP B 83 3.03 7.78 -9.86
N TYR B 84 1.81 8.30 -9.91
CA TYR B 84 0.92 8.37 -8.78
C TYR B 84 -0.32 7.52 -9.06
N TYR B 85 -0.68 6.68 -8.09
CA TYR B 85 -1.85 5.81 -8.21
C TYR B 85 -2.83 6.09 -7.10
N CYS B 86 -4.09 6.30 -7.47
N CYS B 86 -4.09 6.27 -7.50
CA CYS B 86 -5.15 6.34 -6.48
CA CYS B 86 -5.21 6.35 -6.59
C CYS B 86 -5.63 4.91 -6.21
C CYS B 86 -5.66 4.92 -6.24
N ASN B 87 -6.19 4.73 -5.03
CA ASN B 87 -6.81 3.47 -4.69
C ASN B 87 -7.92 3.69 -3.67
N SER B 88 -8.77 2.68 -3.53
CA SER B 88 -9.78 2.72 -2.51
C SER B 88 -10.18 1.26 -2.21
N ARG B 89 -10.90 1.09 -1.14
CA ARG B 89 -11.60 -0.15 -0.91
C ARG B 89 -12.45 -0.43 -2.14
N ASP B 90 -12.54 -1.71 -2.45
CA ASP B 90 -13.34 -2.23 -3.55
C ASP B 90 -14.68 -2.77 -3.01
N SER B 91 -15.64 -2.94 -3.91
CA SER B 91 -16.91 -3.55 -3.55
C SER B 91 -16.77 -4.97 -3.02
N SER B 92 -15.75 -5.69 -3.49
CA SER B 92 -15.48 -7.05 -2.94
C SER B 92 -14.69 -7.00 -1.63
N ALA B 93 -15.15 -7.75 -0.65
CA ALA B 93 -14.53 -7.82 0.66
C ALA B 93 -13.06 -8.16 0.53
N ASN B 94 -12.22 -7.40 1.24
CA ASN B 94 -10.77 -7.66 1.31
C ASN B 94 -10.07 -7.34 0.00
N HIS B 95 -10.74 -6.62 -0.90
CA HIS B 95 -10.11 -6.16 -2.14
C HIS B 95 -9.92 -4.64 -2.13
N GLN B 96 -8.91 -4.21 -2.87
CA GLN B 96 -8.71 -2.79 -3.15
C GLN B 96 -8.70 -2.63 -4.67
N VAL B 97 -9.18 -1.47 -5.11
CA VAL B 97 -9.13 -1.11 -6.51
C VAL B 97 -8.23 0.09 -6.73
N PHE B 98 -7.55 0.09 -7.87
CA PHE B 98 -6.57 1.12 -8.21
C PHE B 98 -6.89 1.77 -9.53
N GLY B 99 -6.58 3.04 -9.64
CA GLY B 99 -6.52 3.65 -10.95
C GLY B 99 -5.33 3.14 -11.74
N GLY B 100 -5.24 3.50 -13.02
CA GLY B 100 -4.18 3.09 -13.89
C GLY B 100 -2.90 3.84 -13.75
N GLY B 101 -2.91 4.89 -12.89
CA GLY B 101 -1.73 5.70 -12.64
C GLY B 101 -1.64 6.93 -13.49
N THR B 102 -0.97 7.92 -12.94
CA THR B 102 -0.68 9.19 -13.64
C THR B 102 0.82 9.45 -13.57
N LYS B 103 1.47 9.51 -14.73
CA LYS B 103 2.85 9.90 -14.81
C LYS B 103 2.98 11.41 -14.63
N LEU B 104 3.63 11.84 -13.55
CA LEU B 104 3.93 13.26 -13.34
C LEU B 104 5.32 13.58 -13.75
N THR B 105 5.44 14.49 -14.71
CA THR B 105 6.74 15.03 -15.13
C THR B 105 6.90 16.40 -14.47
N VAL B 106 8.08 16.64 -13.85
CA VAL B 106 8.38 17.94 -13.26
C VAL B 106 9.41 18.61 -14.16
N LEU B 107 9.12 19.85 -14.55
CA LEU B 107 9.94 20.58 -15.51
C LEU B 107 10.63 21.76 -14.81
N GLY B 108 11.89 22.01 -15.18
CA GLY B 108 12.68 23.17 -14.70
C GLY B 108 13.91 22.66 -14.00
ZN ZN C . -10.64 -11.61 -5.86
ZN ZN D . -14.90 -16.58 -1.98
ZN ZN E . 1.70 -5.56 23.88
ZN ZN F . -7.47 -23.17 -4.64
NA NA G . 7.02 2.24 2.71
C CO3 H . -16.17 -17.32 -4.42
O1 CO3 H . -15.42 -16.40 -4.80
O2 CO3 H . -15.98 -17.61 -3.26
O3 CO3 H . -17.04 -17.88 -5.15
C1 PEG I . 2.18 -3.82 -3.40
O1 PEG I . 1.26 -4.80 -3.91
C2 PEG I . 1.39 -2.55 -3.10
O2 PEG I . 1.24 -1.86 -4.31
C3 PEG I . 0.49 -0.66 -4.46
C4 PEG I . 1.33 0.20 -5.38
O4 PEG I . 0.77 0.70 -6.59
ZN ZN J . -13.92 -3.62 -8.52
ZN ZN K . -15.71 -2.17 -15.75
ZN ZN L . 6.03 21.77 3.57
NA NA M . 12.03 14.93 -15.33
NA NA N . 5.16 4.37 3.78
CL CL O . 6.97 20.57 1.93
C CO3 P . 4.18 2.19 2.24
O1 CO3 P . 5.07 1.53 2.83
O2 CO3 P . 4.33 3.44 2.12
O3 CO3 P . 3.14 1.64 1.81
C CO3 Q . -18.10 -3.70 -15.52
O1 CO3 Q . -17.68 -3.87 -14.39
O2 CO3 Q . -17.46 -2.86 -16.16
O3 CO3 Q . -19.08 -4.30 -16.00
C1 PGE R . -4.65 -2.15 7.09
O1 PGE R . -5.80 -1.33 7.33
C2 PGE R . -4.74 -2.84 5.73
O2 PGE R . -3.44 -2.91 5.07
C3 PGE R . -3.06 -1.71 4.42
C4 PGE R . -2.93 -1.80 2.92
O4 PGE R . -5.28 1.76 1.08
C6 PGE R . -3.97 1.68 1.72
C5 PGE R . -3.90 0.42 2.59
O3 PGE R . -2.93 -0.51 2.22
#